data_7ETN
# 
_entry.id   7ETN 
# 
_audit_conform.dict_name       mmcif_pdbx.dic 
_audit_conform.dict_version    5.392 
_audit_conform.dict_location   http://mmcif.pdb.org/dictionaries/ascii/mmcif_pdbx.dic 
# 
loop_
_database_2.database_id 
_database_2.database_code 
_database_2.pdbx_database_accession 
_database_2.pdbx_DOI 
PDB   7ETN         pdb_00007etn 10.2210/pdb7etn/pdb 
WWPDB D_1300022157 ?            ?                   
# 
loop_
_pdbx_audit_revision_history.ordinal 
_pdbx_audit_revision_history.data_content_type 
_pdbx_audit_revision_history.major_revision 
_pdbx_audit_revision_history.minor_revision 
_pdbx_audit_revision_history.revision_date 
1 'Structure model' 1 0 2022-05-25 
2 'Structure model' 1 1 2024-05-29 
# 
_pdbx_audit_revision_details.ordinal             1 
_pdbx_audit_revision_details.revision_ordinal    1 
_pdbx_audit_revision_details.data_content_type   'Structure model' 
_pdbx_audit_revision_details.provider            repository 
_pdbx_audit_revision_details.type                'Initial release' 
_pdbx_audit_revision_details.description         ? 
_pdbx_audit_revision_details.details             ? 
# 
_pdbx_audit_revision_group.ordinal             1 
_pdbx_audit_revision_group.revision_ordinal    2 
_pdbx_audit_revision_group.data_content_type   'Structure model' 
_pdbx_audit_revision_group.group               'Data collection' 
# 
loop_
_pdbx_audit_revision_category.ordinal 
_pdbx_audit_revision_category.revision_ordinal 
_pdbx_audit_revision_category.data_content_type 
_pdbx_audit_revision_category.category 
1 2 'Structure model' chem_comp_atom 
2 2 'Structure model' chem_comp_bond 
# 
_pdbx_database_status.status_code                     REL 
_pdbx_database_status.status_code_sf                  REL 
_pdbx_database_status.status_code_mr                  ? 
_pdbx_database_status.entry_id                        7ETN 
_pdbx_database_status.recvd_initial_deposition_date   2021-05-13 
_pdbx_database_status.SG_entry                        N 
_pdbx_database_status.deposit_site                    PDBJ 
_pdbx_database_status.process_site                    PDBJ 
_pdbx_database_status.status_code_cs                  ? 
_pdbx_database_status.status_code_nmr_data            ? 
_pdbx_database_status.methods_development_category    ? 
_pdbx_database_status.pdb_format_compatible           Y 
# 
loop_
_audit_author.name 
_audit_author.pdbx_ordinal 
_audit_author.identifier_ORCID 
'Kurumida, Y.'  1 0000-0003-2696-154X 
'Ikeda, K.'     2 0000-0003-3217-5713 
'Nakamichi, Y.' 3 0000-0001-7089-663X 
'Hirano, A.'    4 0000-0002-4138-0308 
'Kobayashi, K.' 5 0000-0002-2662-2452 
'Saito, Y.'     6 0000-0002-4853-0153 
'Kameda, T.'    7 0000-0001-9508-5366 
# 
_citation.abstract                  ? 
_citation.abstract_id_CAS           ? 
_citation.book_id_ISBN              ? 
_citation.book_publisher            ? 
_citation.book_publisher_city       ? 
_citation.book_title                ? 
_citation.coordinate_linkage        ? 
_citation.country                   ? 
_citation.database_id_Medline       ? 
_citation.details                   ? 
_citation.id                        primary 
_citation.journal_abbrev            'To Be Published' 
_citation.journal_id_ASTM           ? 
_citation.journal_id_CSD            0353 
_citation.journal_id_ISSN           ? 
_citation.journal_full              ? 
_citation.journal_issue             ? 
_citation.journal_volume            ? 
_citation.language                  ? 
_citation.page_first                ? 
_citation.page_last                 ? 
_citation.title                     'Crystal structure of Pro-Phe-Leu-Ile' 
_citation.year                      ? 
_citation.database_id_CSD           ? 
_citation.pdbx_database_id_DOI      ? 
_citation.pdbx_database_id_PubMed   ? 
_citation.pdbx_database_id_patent   ? 
_citation.unpublished_flag          ? 
# 
loop_
_citation_author.citation_id 
_citation_author.name 
_citation_author.ordinal 
_citation_author.identifier_ORCID 
primary 'Kurumida, Y.'  1 0000-0003-2696-154X 
primary 'Ikeda, K.'     2 0000-0003-3217-5713 
primary 'Nakamichi, Y.' 3 0000-0001-7089-663X 
primary 'Hirano, A.'    4 0000-0002-4138-0308 
primary 'Kobayashi, K.' 5 0000-0002-2662-2452 
primary 'Saito, Y.'     6 0000-0002-4853-0153 
primary 'Kameda, T.'    7 0000-0001-9508-5366 
# 
_entity.id                         1 
_entity.type                       polymer 
_entity.src_method                 syn 
_entity.pdbx_description           PRO-PHE-LEU-ILE 
_entity.formula_weight             488.619 
_entity.pdbx_number_of_molecules   2 
_entity.pdbx_ec                    ? 
_entity.pdbx_mutation              ? 
_entity.pdbx_fragment              ? 
_entity.details                    ? 
# 
_entity_poly.entity_id                      1 
_entity_poly.type                           'polypeptide(L)' 
_entity_poly.nstd_linkage                   no 
_entity_poly.nstd_monomer                   no 
_entity_poly.pdbx_seq_one_letter_code       PFLI 
_entity_poly.pdbx_seq_one_letter_code_can   PFLI 
_entity_poly.pdbx_strand_id                 A,B 
_entity_poly.pdbx_target_identifier         ? 
# 
loop_
_entity_poly_seq.entity_id 
_entity_poly_seq.num 
_entity_poly_seq.mon_id 
_entity_poly_seq.hetero 
1 1 PRO n 
1 2 PHE n 
1 3 LEU n 
1 4 ILE n 
# 
_pdbx_entity_src_syn.entity_id              1 
_pdbx_entity_src_syn.pdbx_src_id            1 
_pdbx_entity_src_syn.pdbx_alt_source_flag   sample 
_pdbx_entity_src_syn.pdbx_beg_seq_num       1 
_pdbx_entity_src_syn.pdbx_end_seq_num       4 
_pdbx_entity_src_syn.organism_scientific    'synthetic construct' 
_pdbx_entity_src_syn.organism_common_name   ? 
_pdbx_entity_src_syn.ncbi_taxonomy_id       32630 
_pdbx_entity_src_syn.details                ? 
# 
loop_
_chem_comp.id 
_chem_comp.type 
_chem_comp.mon_nstd_flag 
_chem_comp.name 
_chem_comp.pdbx_synonyms 
_chem_comp.formula 
_chem_comp.formula_weight 
ILE 'L-peptide linking' y ISOLEUCINE    ? 'C6 H13 N O2' 131.173 
LEU 'L-peptide linking' y LEUCINE       ? 'C6 H13 N O2' 131.173 
PHE 'L-peptide linking' y PHENYLALANINE ? 'C9 H11 N O2' 165.189 
PRO 'L-peptide linking' y PROLINE       ? 'C5 H9 N O2'  115.130 
# 
loop_
_pdbx_poly_seq_scheme.asym_id 
_pdbx_poly_seq_scheme.entity_id 
_pdbx_poly_seq_scheme.seq_id 
_pdbx_poly_seq_scheme.mon_id 
_pdbx_poly_seq_scheme.ndb_seq_num 
_pdbx_poly_seq_scheme.pdb_seq_num 
_pdbx_poly_seq_scheme.auth_seq_num 
_pdbx_poly_seq_scheme.pdb_mon_id 
_pdbx_poly_seq_scheme.auth_mon_id 
_pdbx_poly_seq_scheme.pdb_strand_id 
_pdbx_poly_seq_scheme.pdb_ins_code 
_pdbx_poly_seq_scheme.hetero 
A 1 1 PRO 1 1 1 PRO PRO A . n 
A 1 2 PHE 2 2 2 PHE PHE A . n 
A 1 3 LEU 3 3 3 LEU LEU A . n 
A 1 4 ILE 4 4 4 ILE ILE A . n 
B 1 1 PRO 1 1 1 PRO PRO B . n 
B 1 2 PHE 2 2 2 PHE PHE B . n 
B 1 3 LEU 3 3 3 LEU LEU B . n 
B 1 4 ILE 4 4 4 ILE ILE B . n 
# 
loop_
_software.citation_id 
_software.classification 
_software.compiler_name 
_software.compiler_version 
_software.contact_author 
_software.contact_author_email 
_software.date 
_software.description 
_software.dependencies 
_software.hardware 
_software.language 
_software.location 
_software.mods 
_software.name 
_software.os 
_software.os_version 
_software.type 
_software.version 
_software.pdbx_ordinal 
? refinement        ? ? ? ? ? ? ? ? ? ? ? SHELX       ? ? ? .    1 
? 'data reduction'  ? ? ? ? ? ? ? ? ? ? ? XDS         ? ? ? .    2 
? 'data scaling'    ? ? ? ? ? ? ? ? ? ? ? XSCALE      ? ? ? .    3 
? 'data extraction' ? ? ? ? ? ? ? ? ? ? ? PDB_EXTRACT ? ? ? 3.27 4 
? phasing           ? ? ? ? ? ? ? ? ? ? ? SHELXT      ? ? ? .    5 
# 
_cell.angle_alpha                  90.000 
_cell.angle_alpha_esd              ? 
_cell.angle_beta                   94.850 
_cell.angle_beta_esd               ? 
_cell.angle_gamma                  90.000 
_cell.angle_gamma_esd              ? 
_cell.entry_id                     7ETN 
_cell.details                      ? 
_cell.formula_units_Z              ? 
_cell.length_a                     5.264 
_cell.length_a_esd                 ? 
_cell.length_b                     24.967 
_cell.length_b_esd                 ? 
_cell.length_c                     20.736 
_cell.length_c_esd                 ? 
_cell.volume                       ? 
_cell.volume_esd                   ? 
_cell.Z_PDB                        4 
_cell.reciprocal_angle_alpha       ? 
_cell.reciprocal_angle_beta        ? 
_cell.reciprocal_angle_gamma       ? 
_cell.reciprocal_angle_alpha_esd   ? 
_cell.reciprocal_angle_beta_esd    ? 
_cell.reciprocal_angle_gamma_esd   ? 
_cell.reciprocal_length_a          ? 
_cell.reciprocal_length_b          ? 
_cell.reciprocal_length_c          ? 
_cell.reciprocal_length_a_esd      ? 
_cell.reciprocal_length_b_esd      ? 
_cell.reciprocal_length_c_esd      ? 
_cell.pdbx_unique_axis             ? 
# 
_symmetry.entry_id                         7ETN 
_symmetry.cell_setting                     ? 
_symmetry.Int_Tables_number                4 
_symmetry.space_group_name_Hall            ? 
_symmetry.space_group_name_H-M             'P 1 21 1' 
_symmetry.pdbx_full_space_group_name_H-M   ? 
# 
_exptl.absorpt_coefficient_mu     ? 
_exptl.absorpt_correction_T_max   ? 
_exptl.absorpt_correction_T_min   ? 
_exptl.absorpt_correction_type    ? 
_exptl.absorpt_process_details    ? 
_exptl.entry_id                   7ETN 
_exptl.crystals_number            1 
_exptl.details                    ? 
_exptl.method                     'X-RAY DIFFRACTION' 
_exptl.method_details             ? 
# 
_exptl_crystal.colour                      ? 
_exptl_crystal.density_diffrn              ? 
_exptl_crystal.density_Matthews            ? 
_exptl_crystal.density_method              ? 
_exptl_crystal.density_percent_sol         ? 
_exptl_crystal.description                 ? 
_exptl_crystal.F_000                       ? 
_exptl_crystal.id                          1 
_exptl_crystal.preparation                 ? 
_exptl_crystal.size_max                    ? 
_exptl_crystal.size_mid                    ? 
_exptl_crystal.size_min                    ? 
_exptl_crystal.size_rad                    ? 
_exptl_crystal.colour_lustre               ? 
_exptl_crystal.colour_modifier             ? 
_exptl_crystal.colour_primary              ? 
_exptl_crystal.density_meas                ? 
_exptl_crystal.density_meas_esd            ? 
_exptl_crystal.density_meas_gt             ? 
_exptl_crystal.density_meas_lt             ? 
_exptl_crystal.density_meas_temp           ? 
_exptl_crystal.density_meas_temp_esd       ? 
_exptl_crystal.density_meas_temp_gt        ? 
_exptl_crystal.density_meas_temp_lt        ? 
_exptl_crystal.pdbx_crystal_image_url      ? 
_exptl_crystal.pdbx_crystal_image_format   ? 
_exptl_crystal.pdbx_mosaicity              ? 
_exptl_crystal.pdbx_mosaicity_esd          ? 
# 
_exptl_crystal_grow.apparatus       ? 
_exptl_crystal_grow.atmosphere      ? 
_exptl_crystal_grow.crystal_id      1 
_exptl_crystal_grow.details         ? 
_exptl_crystal_grow.method          'VAPOR DIFFUSION, HANGING DROP' 
_exptl_crystal_grow.method_ref      ? 
_exptl_crystal_grow.pH              7.0 
_exptl_crystal_grow.pressure        ? 
_exptl_crystal_grow.pressure_esd    ? 
_exptl_crystal_grow.seeding         ? 
_exptl_crystal_grow.seeding_ref     ? 
_exptl_crystal_grow.temp            293 
_exptl_crystal_grow.temp_details    ? 
_exptl_crystal_grow.temp_esd        ? 
_exptl_crystal_grow.time            ? 
_exptl_crystal_grow.pdbx_details    '100 mM MOPS, 5 mM EDTA-2Na' 
_exptl_crystal_grow.pdbx_pH_range   ? 
# 
_diffrn.ambient_environment              ? 
_diffrn.ambient_temp                     100 
_diffrn.ambient_temp_details             ? 
_diffrn.ambient_temp_esd                 ? 
_diffrn.crystal_id                       1 
_diffrn.crystal_support                  ? 
_diffrn.crystal_treatment                ? 
_diffrn.details                          ? 
_diffrn.id                               1 
_diffrn.ambient_pressure                 ? 
_diffrn.ambient_pressure_esd             ? 
_diffrn.ambient_pressure_gt              ? 
_diffrn.ambient_pressure_lt              ? 
_diffrn.ambient_temp_gt                  ? 
_diffrn.ambient_temp_lt                  ? 
_diffrn.pdbx_serial_crystal_experiment   N 
# 
_diffrn_detector.details                      ? 
_diffrn_detector.detector                     PIXEL 
_diffrn_detector.diffrn_id                    1 
_diffrn_detector.type                         'DECTRIS EIGER X 16M' 
_diffrn_detector.area_resol_mean              ? 
_diffrn_detector.dtime                        ? 
_diffrn_detector.pdbx_frames_total            ? 
_diffrn_detector.pdbx_collection_time_total   ? 
_diffrn_detector.pdbx_collection_date         2020-02-17 
_diffrn_detector.pdbx_frequency               ? 
# 
_diffrn_radiation.collimation                      ? 
_diffrn_radiation.diffrn_id                        1 
_diffrn_radiation.filter_edge                      ? 
_diffrn_radiation.inhomogeneity                    ? 
_diffrn_radiation.monochromator                    ? 
_diffrn_radiation.polarisn_norm                    ? 
_diffrn_radiation.polarisn_ratio                   ? 
_diffrn_radiation.probe                            ? 
_diffrn_radiation.type                             ? 
_diffrn_radiation.xray_symbol                      ? 
_diffrn_radiation.wavelength_id                    1 
_diffrn_radiation.pdbx_monochromatic_or_laue_m_l   M 
_diffrn_radiation.pdbx_wavelength_list             ? 
_diffrn_radiation.pdbx_wavelength                  ? 
_diffrn_radiation.pdbx_diffrn_protocol             'SINGLE WAVELENGTH' 
_diffrn_radiation.pdbx_analyzer                    ? 
_diffrn_radiation.pdbx_scattering_type             x-ray 
# 
_diffrn_radiation_wavelength.id           1 
_diffrn_radiation_wavelength.wavelength   0.7 
_diffrn_radiation_wavelength.wt           1.0 
# 
_diffrn_source.current                     ? 
_diffrn_source.details                     ? 
_diffrn_source.diffrn_id                   1 
_diffrn_source.power                       ? 
_diffrn_source.size                        ? 
_diffrn_source.source                      SYNCHROTRON 
_diffrn_source.target                      ? 
_diffrn_source.type                        'SPRING-8 BEAMLINE BL44XU' 
_diffrn_source.voltage                     ? 
_diffrn_source.take-off_angle              ? 
_diffrn_source.pdbx_wavelength_list        0.7 
_diffrn_source.pdbx_wavelength             ? 
_diffrn_source.pdbx_synchrotron_beamline   BL44XU 
_diffrn_source.pdbx_synchrotron_site       SPring-8 
# 
_reflns.B_iso_Wilson_estimate                          6.112 
_reflns.entry_id                                       7ETN 
_reflns.data_reduction_details                         ? 
_reflns.data_reduction_method                          ? 
_reflns.d_resolution_high                              0.820 
_reflns.d_resolution_low                               20.55 
_reflns.details                                        ? 
_reflns.limit_h_max                                    ? 
_reflns.limit_h_min                                    ? 
_reflns.limit_k_max                                    ? 
_reflns.limit_k_min                                    ? 
_reflns.limit_l_max                                    ? 
_reflns.limit_l_min                                    ? 
_reflns.number_all                                     ? 
_reflns.number_obs                                     9768 
_reflns.observed_criterion                             ? 
_reflns.observed_criterion_F_max                       ? 
_reflns.observed_criterion_F_min                       ? 
_reflns.observed_criterion_I_max                       ? 
_reflns.observed_criterion_I_min                       ? 
_reflns.observed_criterion_sigma_F                     ? 
_reflns.observed_criterion_sigma_I                     ? 
_reflns.percent_possible_obs                           95.500 
_reflns.R_free_details                                 ? 
_reflns.Rmerge_F_all                                   ? 
_reflns.Rmerge_F_obs                                   ? 
_reflns.Friedel_coverage                               ? 
_reflns.number_gt                                      ? 
_reflns.threshold_expression                           ? 
_reflns.pdbx_redundancy                                2.795 
_reflns.pdbx_Rmerge_I_obs                              0.081 
_reflns.pdbx_Rmerge_I_all                              ? 
_reflns.pdbx_Rsym_value                                ? 
_reflns.pdbx_netI_over_av_sigmaI                       ? 
_reflns.pdbx_netI_over_sigmaI                          12.020 
_reflns.pdbx_res_netI_over_av_sigmaI_2                 ? 
_reflns.pdbx_res_netI_over_sigmaI_2                    ? 
_reflns.pdbx_chi_squared                               0.865 
_reflns.pdbx_scaling_rejects                           ? 
_reflns.pdbx_d_res_high_opt                            ? 
_reflns.pdbx_d_res_low_opt                             ? 
_reflns.pdbx_d_res_opt_method                          ? 
_reflns.phase_calculation_details                      ? 
_reflns.pdbx_Rrim_I_all                                0.101 
_reflns.pdbx_Rpim_I_all                                ? 
_reflns.pdbx_d_opt                                     ? 
_reflns.pdbx_number_measured_all                       ? 
_reflns.pdbx_diffrn_id                                 1 
_reflns.pdbx_ordinal                                   1 
_reflns.pdbx_CC_half                                   0.990 
_reflns.pdbx_CC_star                                   ? 
_reflns.pdbx_R_split                                   ? 
_reflns.pdbx_aniso_diffraction_limit_axis_1_ortho[1]   ? 
_reflns.pdbx_aniso_diffraction_limit_axis_1_ortho[2]   ? 
_reflns.pdbx_aniso_diffraction_limit_axis_1_ortho[3]   ? 
_reflns.pdbx_aniso_diffraction_limit_axis_2_ortho[1]   ? 
_reflns.pdbx_aniso_diffraction_limit_axis_2_ortho[2]   ? 
_reflns.pdbx_aniso_diffraction_limit_axis_2_ortho[3]   ? 
_reflns.pdbx_aniso_diffraction_limit_axis_3_ortho[1]   ? 
_reflns.pdbx_aniso_diffraction_limit_axis_3_ortho[2]   ? 
_reflns.pdbx_aniso_diffraction_limit_axis_3_ortho[3]   ? 
_reflns.pdbx_aniso_diffraction_limit_1                 ? 
_reflns.pdbx_aniso_diffraction_limit_2                 ? 
_reflns.pdbx_aniso_diffraction_limit_3                 ? 
_reflns.pdbx_aniso_B_tensor_eigenvector_1_ortho[1]     ? 
_reflns.pdbx_aniso_B_tensor_eigenvector_1_ortho[2]     ? 
_reflns.pdbx_aniso_B_tensor_eigenvector_1_ortho[3]     ? 
_reflns.pdbx_aniso_B_tensor_eigenvector_2_ortho[1]     ? 
_reflns.pdbx_aniso_B_tensor_eigenvector_2_ortho[2]     ? 
_reflns.pdbx_aniso_B_tensor_eigenvector_2_ortho[3]     ? 
_reflns.pdbx_aniso_B_tensor_eigenvector_3_ortho[1]     ? 
_reflns.pdbx_aniso_B_tensor_eigenvector_3_ortho[2]     ? 
_reflns.pdbx_aniso_B_tensor_eigenvector_3_ortho[3]     ? 
_reflns.pdbx_aniso_B_tensor_eigenvalue_1               ? 
_reflns.pdbx_aniso_B_tensor_eigenvalue_2               ? 
_reflns.pdbx_aniso_B_tensor_eigenvalue_3               ? 
_reflns.pdbx_orthogonalization_convention              ? 
_reflns.pdbx_percent_possible_ellipsoidal              ? 
_reflns.pdbx_percent_possible_spherical                ? 
_reflns.pdbx_percent_possible_ellipsoidal_anomalous    ? 
_reflns.pdbx_percent_possible_spherical_anomalous      ? 
_reflns.pdbx_redundancy_anomalous                      ? 
_reflns.pdbx_CC_half_anomalous                         ? 
_reflns.pdbx_absDiff_over_sigma_anomalous              ? 
_reflns.pdbx_percent_possible_anomalous                ? 
_reflns.pdbx_observed_signal_threshold                 ? 
_reflns.pdbx_signal_type                               ? 
_reflns.pdbx_signal_details                            ? 
_reflns.pdbx_signal_software_id                        ? 
# 
loop_
_reflns_shell.d_res_high 
_reflns_shell.d_res_low 
_reflns_shell.meanI_over_sigI_all 
_reflns_shell.meanI_over_sigI_obs 
_reflns_shell.number_measured_all 
_reflns_shell.number_measured_obs 
_reflns_shell.number_possible 
_reflns_shell.number_unique_all 
_reflns_shell.number_unique_obs 
_reflns_shell.percent_possible_all 
_reflns_shell.percent_possible_obs 
_reflns_shell.Rmerge_F_all 
_reflns_shell.Rmerge_F_obs 
_reflns_shell.Rmerge_I_all 
_reflns_shell.Rmerge_I_obs 
_reflns_shell.meanI_over_sigI_gt 
_reflns_shell.meanI_over_uI_all 
_reflns_shell.meanI_over_uI_gt 
_reflns_shell.number_measured_gt 
_reflns_shell.number_unique_gt 
_reflns_shell.percent_possible_gt 
_reflns_shell.Rmerge_F_gt 
_reflns_shell.Rmerge_I_gt 
_reflns_shell.pdbx_redundancy 
_reflns_shell.pdbx_Rsym_value 
_reflns_shell.pdbx_chi_squared 
_reflns_shell.pdbx_netI_over_sigmaI_all 
_reflns_shell.pdbx_netI_over_sigmaI_obs 
_reflns_shell.pdbx_Rrim_I_all 
_reflns_shell.pdbx_Rpim_I_all 
_reflns_shell.pdbx_rejects 
_reflns_shell.pdbx_ordinal 
_reflns_shell.pdbx_diffrn_id 
_reflns_shell.pdbx_CC_half 
_reflns_shell.pdbx_CC_star 
_reflns_shell.pdbx_R_split 
_reflns_shell.pdbx_percent_possible_ellipsoidal 
_reflns_shell.pdbx_percent_possible_spherical 
_reflns_shell.pdbx_percent_possible_ellipsoidal_anomalous 
_reflns_shell.pdbx_percent_possible_spherical_anomalous 
_reflns_shell.pdbx_redundancy_anomalous 
_reflns_shell.pdbx_CC_half_anomalous 
_reflns_shell.pdbx_absDiff_over_sigma_anomalous 
_reflns_shell.pdbx_percent_possible_anomalous 
0.820 0.840 ? 4.470  ? ? ? ? 702 91.200 ? ? ? ? 0.346 ? ? ? ? ? ? ? ? 2.771 ? ? ? ? 0.428 ? ? 1  1 0.861 ? ? ? ? ? ? ? ? ? ? 
0.840 0.860 ? 4.830  ? ? ? ? 699 90.400 ? ? ? ? 0.311 ? ? ? ? ? ? ? ? 2.645 ? ? ? ? 0.385 ? ? 2  1 0.879 ? ? ? ? ? ? ? ? ? ? 
0.860 0.890 ? 6.220  ? ? ? ? 637 89.700 ? ? ? ? 0.220 ? ? ? ? ? ? ? ? 2.625 ? ? ? ? 0.274 ? ? 3  1 0.929 ? ? ? ? ? ? ? ? ? ? 
0.890 0.920 ? 6.830  ? ? ? ? 636 95.900 ? ? ? ? 0.196 ? ? ? ? ? ? ? ? 2.714 ? ? ? ? 0.240 ? ? 4  1 0.949 ? ? ? ? ? ? ? ? ? ? 
0.920 0.950 ? 8.570  ? ? ? ? 631 96.300 ? ? ? ? 0.164 ? ? ? ? ? ? ? ? 2.894 ? ? ? ? 0.202 ? ? 5  1 0.945 ? ? ? ? ? ? ? ? ? ? 
0.950 0.980 ? 9.520  ? ? ? ? 647 96.600 ? ? ? ? 0.142 ? ? ? ? ? ? ? ? 2.847 ? ? ? ? 0.174 ? ? 6  1 0.962 ? ? ? ? ? ? ? ? ? ? 
0.980 1.020 ? 10.870 ? ? ? ? 591 93.200 ? ? ? ? 0.126 ? ? ? ? ? ? ? ? 2.897 ? ? ? ? 0.154 ? ? 7  1 0.969 ? ? ? ? ? ? ? ? ? ? 
1.020 1.060 ? 12.320 ? ? ? ? 584 93.400 ? ? ? ? 0.122 ? ? ? ? ? ? ? ? 2.788 ? ? ? ? 0.150 ? ? 8  1 0.966 ? ? ? ? ? ? ? ? ? ? 
1.060 1.110 ? 13.730 ? ? ? ? 537 97.600 ? ? ? ? 0.112 ? ? ? ? ? ? ? ? 2.834 ? ? ? ? 0.138 ? ? 9  1 0.970 ? ? ? ? ? ? ? ? ? ? 
1.110 1.160 ? 14.490 ? ? ? ? 532 97.300 ? ? ? ? 0.102 ? ? ? ? ? ? ? ? 2.586 ? ? ? ? 0.127 ? ? 10 1 0.972 ? ? ? ? ? ? ? ? ? ? 
1.160 1.220 ? 14.630 ? ? ? ? 530 97.800 ? ? ? ? 0.093 ? ? ? ? ? ? ? ? 2.649 ? ? ? ? 0.116 ? ? 11 1 0.974 ? ? ? ? ? ? ? ? ? ? 
1.220 1.300 ? 15.250 ? ? ? ? 522 96.700 ? ? ? ? 0.098 ? ? ? ? ? ? ? ? 2.943 ? ? ? ? 0.119 ? ? 12 1 0.977 ? ? ? ? ? ? ? ? ? ? 
1.300 1.390 ? 15.890 ? ? ? ? 429 98.800 ? ? ? ? 0.080 ? ? ? ? ? ? ? ? 3.009 ? ? ? ? 0.099 ? ? 13 1 0.985 ? ? ? ? ? ? ? ? ? ? 
1.390 1.500 ? 16.950 ? ? ? ? 415 99.300 ? ? ? ? 0.086 ? ? ? ? ? ? ? ? 2.995 ? ? ? ? 0.107 ? ? 14 1 0.966 ? ? ? ? ? ? ? ? ? ? 
1.500 1.640 ? 17.860 ? ? ? ? 412 99.300 ? ? ? ? 0.077 ? ? ? ? ? ? ? ? 2.888 ? ? ? ? 0.096 ? ? 15 1 0.975 ? ? ? ? ? ? ? ? ? ? 
1.640 1.830 ? 18.390 ? ? ? ? 372 98.700 ? ? ? ? 0.065 ? ? ? ? ? ? ? ? 2.780 ? ? ? ? 0.080 ? ? 16 1 0.987 ? ? ? ? ? ? ? ? ? ? 
1.830 2.120 ? 18.910 ? ? ? ? 289 98.600 ? ? ? ? 0.062 ? ? ? ? ? ? ? ? 2.682 ? ? ? ? 0.078 ? ? 17 1 0.989 ? ? ? ? ? ? ? ? ? ? 
2.120 2.590 ? 20.510 ? ? ? ? 297 99.700 ? ? ? ? 0.057 ? ? ? ? ? ? ? ? 2.747 ? ? ? ? 0.072 ? ? 18 1 0.992 ? ? ? ? ? ? ? ? ? ? 
2.590 3.670 ? 22.830 ? ? ? ? 190 99.000 ? ? ? ? 0.049 ? ? ? ? ? ? ? ? 3.079 ? ? ? ? 0.060 ? ? 19 1 0.993 ? ? ? ? ? ? ? ? ? ? 
3.670 20.55 ? 22.750 ? ? ? ? 116 99.100 ? ? ? ? 0.066 ? ? ? ? ? ? ? ? 2.836 ? ? ? ? 0.084 ? ? 20 1 0.983 ? ? ? ? ? ? ? ? ? ? 
# 
_refine.aniso_B[1][1]                            ? 
_refine.aniso_B[1][2]                            ? 
_refine.aniso_B[1][3]                            ? 
_refine.aniso_B[2][2]                            ? 
_refine.aniso_B[2][3]                            ? 
_refine.aniso_B[3][3]                            ? 
_refine.B_iso_max                                9.850 
_refine.B_iso_mean                               4.8465 
_refine.B_iso_min                                2.950 
_refine.correlation_coeff_Fo_to_Fc               ? 
_refine.correlation_coeff_Fo_to_Fc_free          ? 
_refine.details                                  ? 
_refine.diff_density_max                         ? 
_refine.diff_density_max_esd                     ? 
_refine.diff_density_min                         ? 
_refine.diff_density_min_esd                     ? 
_refine.diff_density_rms                         ? 
_refine.diff_density_rms_esd                     ? 
_refine.entry_id                                 7ETN 
_refine.pdbx_refine_id                           'X-RAY DIFFRACTION' 
_refine.ls_abs_structure_details                 ? 
_refine.ls_abs_structure_Flack                   ? 
_refine.ls_abs_structure_Flack_esd               ? 
_refine.ls_abs_structure_Rogers                  ? 
_refine.ls_abs_structure_Rogers_esd              ? 
_refine.ls_d_res_high                            0.82 
_refine.ls_d_res_low                             20.55 
_refine.ls_extinction_coef                       ? 
_refine.ls_extinction_coef_esd                   ? 
_refine.ls_extinction_expression                 ? 
_refine.ls_extinction_method                     ? 
_refine.ls_goodness_of_fit_all                   ? 
_refine.ls_goodness_of_fit_all_esd               ? 
_refine.ls_goodness_of_fit_obs                   ? 
_refine.ls_goodness_of_fit_obs_esd               ? 
_refine.ls_hydrogen_treatment                    ? 
_refine.ls_matrix_type                           ? 
_refine.ls_number_constraints                    ? 
_refine.ls_number_parameters                     ? 
_refine.ls_number_reflns_all                     ? 
_refine.ls_number_reflns_obs                     9285 
_refine.ls_number_reflns_R_free                  483 
_refine.ls_number_reflns_R_work                  ? 
_refine.ls_number_restraints                     ? 
_refine.ls_percent_reflns_obs                    96.0 
_refine.ls_percent_reflns_R_free                 ? 
_refine.ls_R_factor_all                          ? 
_refine.ls_R_factor_obs                          ? 
_refine.ls_R_factor_R_free                       0.0873 
_refine.ls_R_factor_R_free_error                 ? 
_refine.ls_R_factor_R_free_error_details         ? 
_refine.ls_R_factor_R_work                       0.0692 
_refine.ls_R_Fsqd_factor_obs                     ? 
_refine.ls_R_I_factor_obs                        ? 
_refine.ls_redundancy_reflns_all                 ? 
_refine.ls_redundancy_reflns_obs                 ? 
_refine.ls_restrained_S_all                      ? 
_refine.ls_restrained_S_obs                      ? 
_refine.ls_shift_over_esd_max                    ? 
_refine.ls_shift_over_esd_mean                   ? 
_refine.ls_structure_factor_coef                 ? 
_refine.ls_weighting_details                     ? 
_refine.ls_weighting_scheme                      ? 
_refine.ls_wR_factor_all                         ? 
_refine.ls_wR_factor_obs                         ? 
_refine.ls_wR_factor_R_free                      ? 
_refine.ls_wR_factor_R_work                      ? 
_refine.occupancy_max                            ? 
_refine.occupancy_min                            ? 
_refine.solvent_model_details                    ? 
_refine.solvent_model_param_bsol                 ? 
_refine.solvent_model_param_ksol                 ? 
_refine.pdbx_R_complete                          ? 
_refine.ls_R_factor_gt                           ? 
_refine.ls_goodness_of_fit_gt                    ? 
_refine.ls_goodness_of_fit_ref                   ? 
_refine.ls_shift_over_su_max                     ? 
_refine.ls_shift_over_su_max_lt                  ? 
_refine.ls_shift_over_su_mean                    ? 
_refine.ls_shift_over_su_mean_lt                 ? 
_refine.pdbx_ls_sigma_I                          ? 
_refine.pdbx_ls_sigma_F                          ? 
_refine.pdbx_ls_sigma_Fsqd                       ? 
_refine.pdbx_data_cutoff_high_absF               ? 
_refine.pdbx_data_cutoff_high_rms_absF           ? 
_refine.pdbx_data_cutoff_low_absF                ? 
_refine.pdbx_isotropic_thermal_model             ? 
_refine.pdbx_ls_cross_valid_method               'FREE R-VALUE' 
_refine.pdbx_method_to_determine_struct          'AB INITIO PHASING' 
_refine.pdbx_starting_model                      ? 
_refine.pdbx_stereochemistry_target_values       ? 
_refine.pdbx_R_Free_selection_details            ? 
_refine.pdbx_stereochem_target_val_spec_case     ? 
_refine.pdbx_overall_ESU_R                       ? 
_refine.pdbx_overall_ESU_R_Free                  ? 
_refine.pdbx_solvent_vdw_probe_radii             ? 
_refine.pdbx_solvent_ion_probe_radii             ? 
_refine.pdbx_solvent_shrinkage_radii             ? 
_refine.pdbx_real_space_R                        ? 
_refine.pdbx_density_correlation                 ? 
_refine.pdbx_pd_number_of_powder_patterns        ? 
_refine.pdbx_pd_number_of_points                 ? 
_refine.pdbx_pd_meas_number_of_points            ? 
_refine.pdbx_pd_proc_ls_prof_R_factor            ? 
_refine.pdbx_pd_proc_ls_prof_wR_factor           ? 
_refine.pdbx_pd_Marquardt_correlation_coeff      ? 
_refine.pdbx_pd_Fsqrd_R_factor                   ? 
_refine.pdbx_pd_ls_matrix_band_width             ? 
_refine.pdbx_overall_phase_error                 ? 
_refine.pdbx_overall_SU_R_free_Cruickshank_DPI   ? 
_refine.pdbx_overall_SU_R_free_Blow_DPI          ? 
_refine.pdbx_overall_SU_R_Blow_DPI               ? 
_refine.pdbx_TLS_residual_ADP_flag               ? 
_refine.pdbx_diffrn_id                           1 
_refine.overall_SU_B                             ? 
_refine.overall_SU_ML                            ? 
_refine.overall_SU_R_Cruickshank_DPI             ? 
_refine.overall_SU_R_free                        ? 
_refine.overall_FOM_free_R_set                   ? 
_refine.overall_FOM_work_R_set                   ? 
_refine.pdbx_average_fsc_overall                 ? 
_refine.pdbx_average_fsc_work                    ? 
_refine.pdbx_average_fsc_free                    ? 
# 
_refine_hist.pdbx_refine_id                   'X-RAY DIFFRACTION' 
_refine_hist.cycle_id                         LAST 
_refine_hist.details                          ? 
_refine_hist.d_res_high                       0.82 
_refine_hist.d_res_low                        20.55 
_refine_hist.number_atoms_solvent             0 
_refine_hist.number_atoms_total               70 
_refine_hist.number_reflns_all                ? 
_refine_hist.number_reflns_obs                ? 
_refine_hist.number_reflns_R_free             ? 
_refine_hist.number_reflns_R_work             ? 
_refine_hist.R_factor_all                     ? 
_refine_hist.R_factor_obs                     ? 
_refine_hist.R_factor_R_free                  ? 
_refine_hist.R_factor_R_work                  ? 
_refine_hist.pdbx_number_residues_total       ? 
_refine_hist.pdbx_B_iso_mean_ligand           ? 
_refine_hist.pdbx_B_iso_mean_solvent          ? 
_refine_hist.pdbx_number_atoms_protein        70 
_refine_hist.pdbx_number_atoms_nucleic_acid   0 
_refine_hist.pdbx_number_atoms_ligand         0 
_refine_hist.pdbx_number_atoms_lipid          ? 
_refine_hist.pdbx_number_atoms_carb           ? 
_refine_hist.pdbx_pseudo_atom_details         ? 
# 
_struct.entry_id                     7ETN 
_struct.title                        'Crystal structure of Pro-Phe-Leu-Ile' 
_struct.pdbx_model_details           ? 
_struct.pdbx_formula_weight          ? 
_struct.pdbx_formula_weight_method   ? 
_struct.pdbx_model_type_details      ? 
_struct.pdbx_CASP_flag               N 
# 
_struct_keywords.entry_id        7ETN 
_struct_keywords.text            'Synthetic peptide, UNKNOWN FUNCTION' 
_struct_keywords.pdbx_keywords   'UNKNOWN FUNCTION' 
# 
loop_
_struct_asym.id 
_struct_asym.pdbx_blank_PDB_chainid_flag 
_struct_asym.pdbx_modified 
_struct_asym.entity_id 
_struct_asym.details 
A N N 1 ? 
B N N 1 ? 
# 
_struct_ref.id                         1 
_struct_ref.db_name                    PDB 
_struct_ref.db_code                    7ETN 
_struct_ref.pdbx_db_accession          7ETN 
_struct_ref.pdbx_db_isoform            ? 
_struct_ref.entity_id                  1 
_struct_ref.pdbx_seq_one_letter_code   ? 
_struct_ref.pdbx_align_begin           1 
# 
loop_
_struct_ref_seq.align_id 
_struct_ref_seq.ref_id 
_struct_ref_seq.pdbx_PDB_id_code 
_struct_ref_seq.pdbx_strand_id 
_struct_ref_seq.seq_align_beg 
_struct_ref_seq.pdbx_seq_align_beg_ins_code 
_struct_ref_seq.seq_align_end 
_struct_ref_seq.pdbx_seq_align_end_ins_code 
_struct_ref_seq.pdbx_db_accession 
_struct_ref_seq.db_align_beg 
_struct_ref_seq.pdbx_db_align_beg_ins_code 
_struct_ref_seq.db_align_end 
_struct_ref_seq.pdbx_db_align_end_ins_code 
_struct_ref_seq.pdbx_auth_seq_align_beg 
_struct_ref_seq.pdbx_auth_seq_align_end 
1 1 7ETN A 1 ? 4 ? 7ETN 1 ? 4 ? 1 4 
2 1 7ETN B 1 ? 4 ? 7ETN 1 ? 4 ? 1 4 
# 
loop_
_pdbx_struct_assembly.id 
_pdbx_struct_assembly.details 
_pdbx_struct_assembly.method_details 
_pdbx_struct_assembly.oligomeric_details 
_pdbx_struct_assembly.oligomeric_count 
1 author_defined_assembly ? monomeric 1 
2 author_defined_assembly ? monomeric 1 
# 
loop_
_pdbx_struct_assembly_gen.assembly_id 
_pdbx_struct_assembly_gen.oper_expression 
_pdbx_struct_assembly_gen.asym_id_list 
1 1 A 
2 1 B 
# 
_pdbx_struct_assembly_auth_evidence.id                     1 
_pdbx_struct_assembly_auth_evidence.assembly_id            1 
_pdbx_struct_assembly_auth_evidence.experimental_support   none 
_pdbx_struct_assembly_auth_evidence.details                ? 
# 
_pdbx_struct_oper_list.id                   1 
_pdbx_struct_oper_list.type                 'identity operation' 
_pdbx_struct_oper_list.name                 1_555 
_pdbx_struct_oper_list.symmetry_operation   x,y,z 
_pdbx_struct_oper_list.matrix[1][1]         1.0000000000 
_pdbx_struct_oper_list.matrix[1][2]         0.0000000000 
_pdbx_struct_oper_list.matrix[1][3]         0.0000000000 
_pdbx_struct_oper_list.vector[1]            0.0000000000 
_pdbx_struct_oper_list.matrix[2][1]         0.0000000000 
_pdbx_struct_oper_list.matrix[2][2]         1.0000000000 
_pdbx_struct_oper_list.matrix[2][3]         0.0000000000 
_pdbx_struct_oper_list.vector[2]            0.0000000000 
_pdbx_struct_oper_list.matrix[3][1]         0.0000000000 
_pdbx_struct_oper_list.matrix[3][2]         0.0000000000 
_pdbx_struct_oper_list.matrix[3][3]         1.0000000000 
_pdbx_struct_oper_list.vector[3]            0.0000000000 
# 
loop_
_chem_comp_atom.comp_id 
_chem_comp_atom.atom_id 
_chem_comp_atom.type_symbol 
_chem_comp_atom.pdbx_aromatic_flag 
_chem_comp_atom.pdbx_stereo_config 
_chem_comp_atom.pdbx_ordinal 
ILE N    N N N 1  
ILE CA   C N S 2  
ILE C    C N N 3  
ILE O    O N N 4  
ILE CB   C N S 5  
ILE CG1  C N N 6  
ILE CG2  C N N 7  
ILE CD1  C N N 8  
ILE OXT  O N N 9  
ILE H    H N N 10 
ILE H2   H N N 11 
ILE HA   H N N 12 
ILE HB   H N N 13 
ILE HG12 H N N 14 
ILE HG13 H N N 15 
ILE HG21 H N N 16 
ILE HG22 H N N 17 
ILE HG23 H N N 18 
ILE HD11 H N N 19 
ILE HD12 H N N 20 
ILE HD13 H N N 21 
ILE HXT  H N N 22 
LEU N    N N N 23 
LEU CA   C N S 24 
LEU C    C N N 25 
LEU O    O N N 26 
LEU CB   C N N 27 
LEU CG   C N N 28 
LEU CD1  C N N 29 
LEU CD2  C N N 30 
LEU OXT  O N N 31 
LEU H    H N N 32 
LEU H2   H N N 33 
LEU HA   H N N 34 
LEU HB2  H N N 35 
LEU HB3  H N N 36 
LEU HG   H N N 37 
LEU HD11 H N N 38 
LEU HD12 H N N 39 
LEU HD13 H N N 40 
LEU HD21 H N N 41 
LEU HD22 H N N 42 
LEU HD23 H N N 43 
LEU HXT  H N N 44 
PHE N    N N N 45 
PHE CA   C N S 46 
PHE C    C N N 47 
PHE O    O N N 48 
PHE CB   C N N 49 
PHE CG   C Y N 50 
PHE CD1  C Y N 51 
PHE CD2  C Y N 52 
PHE CE1  C Y N 53 
PHE CE2  C Y N 54 
PHE CZ   C Y N 55 
PHE OXT  O N N 56 
PHE H    H N N 57 
PHE H2   H N N 58 
PHE HA   H N N 59 
PHE HB2  H N N 60 
PHE HB3  H N N 61 
PHE HD1  H N N 62 
PHE HD2  H N N 63 
PHE HE1  H N N 64 
PHE HE2  H N N 65 
PHE HZ   H N N 66 
PHE HXT  H N N 67 
PRO N    N N N 68 
PRO CA   C N S 69 
PRO C    C N N 70 
PRO O    O N N 71 
PRO CB   C N N 72 
PRO CG   C N N 73 
PRO CD   C N N 74 
PRO OXT  O N N 75 
PRO H    H N N 76 
PRO HA   H N N 77 
PRO HB2  H N N 78 
PRO HB3  H N N 79 
PRO HG2  H N N 80 
PRO HG3  H N N 81 
PRO HD2  H N N 82 
PRO HD3  H N N 83 
PRO HXT  H N N 84 
# 
loop_
_chem_comp_bond.comp_id 
_chem_comp_bond.atom_id_1 
_chem_comp_bond.atom_id_2 
_chem_comp_bond.value_order 
_chem_comp_bond.pdbx_aromatic_flag 
_chem_comp_bond.pdbx_stereo_config 
_chem_comp_bond.pdbx_ordinal 
ILE N   CA   sing N N 1  
ILE N   H    sing N N 2  
ILE N   H2   sing N N 3  
ILE CA  C    sing N N 4  
ILE CA  CB   sing N N 5  
ILE CA  HA   sing N N 6  
ILE C   O    doub N N 7  
ILE C   OXT  sing N N 8  
ILE CB  CG1  sing N N 9  
ILE CB  CG2  sing N N 10 
ILE CB  HB   sing N N 11 
ILE CG1 CD1  sing N N 12 
ILE CG1 HG12 sing N N 13 
ILE CG1 HG13 sing N N 14 
ILE CG2 HG21 sing N N 15 
ILE CG2 HG22 sing N N 16 
ILE CG2 HG23 sing N N 17 
ILE CD1 HD11 sing N N 18 
ILE CD1 HD12 sing N N 19 
ILE CD1 HD13 sing N N 20 
ILE OXT HXT  sing N N 21 
LEU N   CA   sing N N 22 
LEU N   H    sing N N 23 
LEU N   H2   sing N N 24 
LEU CA  C    sing N N 25 
LEU CA  CB   sing N N 26 
LEU CA  HA   sing N N 27 
LEU C   O    doub N N 28 
LEU C   OXT  sing N N 29 
LEU CB  CG   sing N N 30 
LEU CB  HB2  sing N N 31 
LEU CB  HB3  sing N N 32 
LEU CG  CD1  sing N N 33 
LEU CG  CD2  sing N N 34 
LEU CG  HG   sing N N 35 
LEU CD1 HD11 sing N N 36 
LEU CD1 HD12 sing N N 37 
LEU CD1 HD13 sing N N 38 
LEU CD2 HD21 sing N N 39 
LEU CD2 HD22 sing N N 40 
LEU CD2 HD23 sing N N 41 
LEU OXT HXT  sing N N 42 
PHE N   CA   sing N N 43 
PHE N   H    sing N N 44 
PHE N   H2   sing N N 45 
PHE CA  C    sing N N 46 
PHE CA  CB   sing N N 47 
PHE CA  HA   sing N N 48 
PHE C   O    doub N N 49 
PHE C   OXT  sing N N 50 
PHE CB  CG   sing N N 51 
PHE CB  HB2  sing N N 52 
PHE CB  HB3  sing N N 53 
PHE CG  CD1  doub Y N 54 
PHE CG  CD2  sing Y N 55 
PHE CD1 CE1  sing Y N 56 
PHE CD1 HD1  sing N N 57 
PHE CD2 CE2  doub Y N 58 
PHE CD2 HD2  sing N N 59 
PHE CE1 CZ   doub Y N 60 
PHE CE1 HE1  sing N N 61 
PHE CE2 CZ   sing Y N 62 
PHE CE2 HE2  sing N N 63 
PHE CZ  HZ   sing N N 64 
PHE OXT HXT  sing N N 65 
PRO N   CA   sing N N 66 
PRO N   CD   sing N N 67 
PRO N   H    sing N N 68 
PRO CA  C    sing N N 69 
PRO CA  CB   sing N N 70 
PRO CA  HA   sing N N 71 
PRO C   O    doub N N 72 
PRO C   OXT  sing N N 73 
PRO CB  CG   sing N N 74 
PRO CB  HB2  sing N N 75 
PRO CB  HB3  sing N N 76 
PRO CG  CD   sing N N 77 
PRO CG  HG2  sing N N 78 
PRO CG  HG3  sing N N 79 
PRO CD  HD2  sing N N 80 
PRO CD  HD3  sing N N 81 
PRO OXT HXT  sing N N 82 
# 
_atom_sites.entry_id                    7ETN 
_atom_sites.Cartn_transf_matrix[1][1]   ? 
_atom_sites.Cartn_transf_matrix[1][2]   ? 
_atom_sites.Cartn_transf_matrix[1][3]   ? 
_atom_sites.Cartn_transf_matrix[2][1]   ? 
_atom_sites.Cartn_transf_matrix[2][2]   ? 
_atom_sites.Cartn_transf_matrix[2][3]   ? 
_atom_sites.Cartn_transf_matrix[3][1]   ? 
_atom_sites.Cartn_transf_matrix[3][2]   ? 
_atom_sites.Cartn_transf_matrix[3][3]   ? 
_atom_sites.Cartn_transf_vector[1]      ? 
_atom_sites.Cartn_transf_vector[2]      ? 
_atom_sites.Cartn_transf_vector[3]      ? 
_atom_sites.fract_transf_matrix[1][1]   0.03114304 
_atom_sites.fract_transf_matrix[1][2]   -0.14471381 
_atom_sites.fract_transf_matrix[1][3]   0.12015177 
_atom_sites.fract_transf_matrix[2][1]   -0.03263780 
_atom_sites.fract_transf_matrix[2][2]   -0.01858104 
_atom_sites.fract_transf_matrix[2][3]   -0.01391984 
_atom_sites.fract_transf_matrix[3][1]   0.02748953 
_atom_sites.fract_transf_matrix[3][2]   -0.02513398 
_atom_sites.fract_transf_matrix[3][3]   -0.03090424 
_atom_sites.fract_transf_vector[1]      0.386436 
_atom_sites.fract_transf_vector[2]      0.218840 
_atom_sites.fract_transf_vector[3]      0.156831 
_atom_sites.solution_primary            ? 
_atom_sites.solution_secondary          ? 
_atom_sites.solution_hydrogens          ? 
_atom_sites.special_details             ? 
# 
loop_
_atom_type.symbol 
C 
H 
N 
O 
# 
loop_
_atom_site.group_PDB 
_atom_site.id 
_atom_site.type_symbol 
_atom_site.label_atom_id 
_atom_site.label_alt_id 
_atom_site.label_comp_id 
_atom_site.label_asym_id 
_atom_site.label_entity_id 
_atom_site.label_seq_id 
_atom_site.pdbx_PDB_ins_code 
_atom_site.Cartn_x 
_atom_site.Cartn_y 
_atom_site.Cartn_z 
_atom_site.occupancy 
_atom_site.B_iso_or_equiv 
_atom_site.pdbx_formal_charge 
_atom_site.auth_seq_id 
_atom_site.auth_comp_id 
_atom_site.auth_asym_id 
_atom_site.auth_atom_id 
_atom_site.pdbx_PDB_model_num 
ATOM 1   N N    . PRO A 1 1 ? 6.747  -4.007 -4.592 1.00 3.24 ? 1 PRO A N    1 
ATOM 2   C CA   . PRO A 1 1 ? 5.412  -4.516 -4.164 1.00 3.25 ? 1 PRO A CA   1 
ATOM 3   C C    . PRO A 1 1 ? 4.359  -4.128 -5.200 1.00 3.38 ? 1 PRO A C    1 
ATOM 4   O O    . PRO A 1 1 ? 4.592  -3.302 -6.079 1.00 4.36 ? 1 PRO A O    1 
ATOM 5   C CB   . PRO A 1 1 ? 5.163  -3.856 -2.805 1.00 3.76 ? 1 PRO A CB   1 
ATOM 6   C CG   . PRO A 1 1 ? 6.570  -3.642 -2.257 1.00 3.71 ? 1 PRO A CG   1 
ATOM 7   C CD   . PRO A 1 1 ? 7.338  -3.191 -3.473 1.00 3.95 ? 1 PRO A CD   1 
ATOM 8   H H2   . PRO A 1 1 ? 6.660  -3.505 -5.321 1.00 3.89 ? 1 PRO A H2   1 
ATOM 9   H H3   . PRO A 1 1 ? 7.284  -4.691 -4.786 1.00 3.89 ? 1 PRO A H3   1 
ATOM 10  H HA   . PRO A 1 1 ? 5.440  -5.491 -4.063 1.00 3.90 ? 1 PRO A HA   1 
ATOM 11  H HB2  . PRO A 1 1 ? 4.696  -3.011 -2.908 1.00 4.52 ? 1 PRO A HB2  1 
ATOM 12  H HB3  . PRO A 1 1 ? 4.646  -4.435 -2.225 1.00 4.52 ? 1 PRO A HB3  1 
ATOM 13  H HG2  . PRO A 1 1 ? 6.577  -2.962 -1.564 1.00 4.46 ? 1 PRO A HG2  1 
ATOM 14  H HG3  . PRO A 1 1 ? 6.934  -4.465 -1.896 1.00 4.46 ? 1 PRO A HG3  1 
ATOM 15  H HD2  . PRO A 1 1 ? 7.212  -2.242 -3.631 1.00 4.74 ? 1 PRO A HD2  1 
ATOM 16  H HD3  . PRO A 1 1 ? 8.285  -3.373 -3.372 1.00 4.74 ? 1 PRO A HD3  1 
ATOM 17  N N    . PHE A 1 2 ? 3.140  -4.687 -5.042 1.00 3.27 ? 2 PHE A N    1 
ATOM 18  C CA   . PHE A 1 2 ? 2.003  -4.143 -5.778 1.00 3.34 ? 2 PHE A CA   1 
ATOM 19  C C    . PHE A 1 2 ? 1.699  -2.702 -5.387 1.00 3.14 ? 2 PHE A C    1 
ATOM 20  O O    . PHE A 1 2 ? 1.441  -1.851 -6.249 1.00 3.49 ? 2 PHE A O    1 
ATOM 21  C CB   . PHE A 1 2 ? 0.777  -5.067 -5.599 1.00 3.81 ? 2 PHE A CB   1 
ATOM 22  C CG   . PHE A 1 2 ? -0.469 -4.532 -6.273 1.00 3.64 ? 2 PHE A CG   1 
ATOM 23  C CD1  . PHE A 1 2 ? -0.617 -4.599 -7.672 1.00 3.85 ? 2 PHE A CD1  1 
ATOM 24  C CD2  . PHE A 1 2 ? -1.486 -3.928 -5.531 1.00 4.35 ? 2 PHE A CD2  1 
ATOM 25  C CE1  . PHE A 1 2 ? -1.747 -4.078 -8.289 1.00 4.03 ? 2 PHE A CE1  1 
ATOM 26  C CE2  . PHE A 1 2 ? -2.626 -3.410 -6.153 1.00 4.71 ? 2 PHE A CE2  1 
ATOM 27  C CZ   . PHE A 1 2 ? -2.753 -3.477 -7.545 1.00 4.31 ? 2 PHE A CZ   1 
ATOM 28  H H    . PHE A 1 2 ? 3.034  -5.357 -4.514 1.00 3.92 ? 2 PHE A H    1 
ATOM 29  H HA   . PHE A 1 2 ? 2.238  -4.146 -6.730 1.00 4.00 ? 2 PHE A HA   1 
ATOM 30  H HB2  . PHE A 1 2 ? 0.984  -5.941 -5.966 1.00 4.57 ? 2 PHE A HB2  1 
ATOM 31  H HB3  . PHE A 1 2 ? 0.600  -5.177 -4.652 1.00 4.57 ? 2 PHE A HB3  1 
ATOM 32  H HD1  . PHE A 1 2 ? 0.049  -4.996 -8.187 1.00 4.62 ? 2 PHE A HD1  1 
ATOM 33  H HD2  . PHE A 1 2 ? -1.402 -3.868 -4.607 1.00 5.22 ? 2 PHE A HD2  1 
ATOM 34  H HE1  . PHE A 1 2 ? -1.830 -4.132 -9.214 1.00 4.83 ? 2 PHE A HE1  1 
ATOM 35  H HE2  . PHE A 1 2 ? -3.299 -3.022 -5.643 1.00 5.66 ? 2 PHE A HE2  1 
ATOM 36  H HZ   . PHE A 1 2 ? -3.502 -3.123 -7.967 1.00 5.18 ? 2 PHE A HZ   1 
ATOM 37  N N    . LEU A 1 3 ? 1.720  -2.392 -4.079 1.00 3.41 ? 3 LEU A N    1 
ATOM 38  C CA   . LEU A 1 3 ? 1.588  -1.003 -3.634 1.00 3.60 ? 3 LEU A CA   1 
ATOM 39  C C    . LEU A 1 3 ? 2.350  -0.847 -2.307 1.00 3.47 ? 3 LEU A C    1 
ATOM 40  O O    . LEU A 1 3 ? 2.594  -1.830 -1.585 1.00 3.72 ? 3 LEU A O    1 
ATOM 41  C CB   . LEU A 1 3 ? 0.115  -0.532 -3.511 1.00 4.05 ? 3 LEU A CB   1 
ATOM 42  C CG   . LEU A 1 3 ? -0.776 -1.217 -2.472 1.00 4.83 ? 3 LEU A CG   1 
ATOM 43  C CD1  . LEU A 1 3 ? -0.532 -0.699 -1.055 1.00 5.29 ? 3 LEU A CD1  1 
ATOM 44  C CD2  . LEU A 1 3 ? -2.238 -1.038 -2.836 1.00 6.57 ? 3 LEU A CD2  1 
ATOM 45  H H    . LEU A 1 3 ? 1.813  -3.017 -3.496 1.00 4.09 ? 3 LEU A H    1 
ATOM 46  H HA   . LEU A 1 3 ? 2.029  -0.434 -4.299 1.00 4.32 ? 3 LEU A HA   1 
ATOM 47  H HB2  . LEU A 1 3 ? 0.123  0.418  -3.315 1.00 4.86 ? 3 LEU A HB2  1 
ATOM 48  H HB3  . LEU A 1 3 ? -0.304 -0.641 -4.379 1.00 4.86 ? 3 LEU A HB3  1 
ATOM 49  H HG   . LEU A 1 3 ? -0.575 -2.177 -2.483 1.00 5.80 ? 3 LEU A HG   1 
ATOM 50  H HD11 . LEU A 1 3 ? 0.357  -0.933 -0.777 1.00 7.93 ? 3 LEU A HD11 1 
ATOM 51  H HD12 . LEU A 1 3 ? -1.170 -1.092 -0.455 1.00 7.93 ? 3 LEU A HD12 1 
ATOM 52  H HD13 . LEU A 1 3 ? -0.629 0.256  -1.043 1.00 7.93 ? 3 LEU A HD13 1 
ATOM 53  H HD21 . LEU A 1 3 ? -2.412 -1.459 -3.682 1.00 9.85 ? 3 LEU A HD21 1 
ATOM 54  H HD22 . LEU A 1 3 ? -2.440 -0.102 -2.897 1.00 9.85 ? 3 LEU A HD22 1 
ATOM 55  H HD23 . LEU A 1 3 ? -2.788 -1.441 -2.160 1.00 9.85 ? 3 LEU A HD23 1 
ATOM 56  N N    . ILE A 1 4 ? 2.701  0.410  -2.037 1.00 3.53 ? 4 ILE A N    1 
ATOM 57  C CA   . ILE A 1 4 ? 3.102  0.890  -0.704 1.00 3.42 ? 4 ILE A CA   1 
ATOM 58  C C    . ILE A 1 4 ? 2.296  2.168  -0.428 1.00 3.28 ? 4 ILE A C    1 
ATOM 59  O O    . ILE A 1 4 ? 1.955  2.465  0.737  1.00 3.62 ? 4 ILE A O    1 
ATOM 60  C CB   . ILE A 1 4 ? 4.633  1.142  -0.602 1.00 3.79 ? 4 ILE A CB   1 
ATOM 61  C CG1  . ILE A 1 4 ? 5.452  -0.038 -1.100 1.00 4.33 ? 4 ILE A CG1  1 
ATOM 62  C CG2  . ILE A 1 4 ? 5.000  1.505  0.847  1.00 4.58 ? 4 ILE A CG2  1 
ATOM 63  C CD1  . ILE A 1 4 ? 6.951  0.225  -1.163 1.00 5.48 ? 4 ILE A CD1  1 
ATOM 64  O OXT  . ILE A 1 4 ? 2.053  2.885  -1.447 1.00 4.27 ? 4 ILE A OXT  1 
ATOM 65  H H    . ILE A 1 4 ? 2.694  0.978  -2.682 1.00 4.24 ? 4 ILE A H    1 
ATOM 66  H HA   . ILE A 1 4 ? 2.851  0.214  -0.040 1.00 4.10 ? 4 ILE A HA   1 
ATOM 67  H HB   . ILE A 1 4 ? 4.847  1.914  -1.166 1.00 4.55 ? 4 ILE A HB   1 
ATOM 68  H HG12 . ILE A 1 4 ? 5.293  -0.796 -0.517 1.00 5.19 ? 4 ILE A HG12 1 
ATOM 69  H HG13 . ILE A 1 4 ? 5.141  -0.279 -1.987 1.00 5.19 ? 4 ILE A HG13 1 
ATOM 70  H HG21 . ILE A 1 4 ? 4.484  2.265  1.125  1.00 6.87 ? 4 ILE A HG21 1 
ATOM 71  H HG22 . ILE A 1 4 ? 5.934  1.718  0.895  1.00 6.87 ? 4 ILE A HG22 1 
ATOM 72  H HG23 . ILE A 1 4 ? 4.810  0.760  1.421  1.00 6.87 ? 4 ILE A HG23 1 
ATOM 73  H HD11 . ILE A 1 4 ? 7.391  -0.526 -1.569 1.00 8.23 ? 4 ILE A HD11 1 
ATOM 74  H HD12 . ILE A 1 4 ? 7.291  0.353  -0.274 1.00 8.23 ? 4 ILE A HD12 1 
ATOM 75  H HD13 . ILE A 1 4 ? 7.117  1.013  -1.685 1.00 8.23 ? 4 ILE A HD13 1 
ATOM 76  N N    . PRO B 1 1 ? 0.943  1.025  2.817  1.00 3.36 ? 1 PRO B N    1 
ATOM 77  C CA   . PRO B 1 1 ? -0.369 0.397  3.199  1.00 3.20 ? 1 PRO B CA   1 
ATOM 78  C C    . PRO B 1 1 ? -1.385 0.693  2.103  1.00 3.17 ? 1 PRO B C    1 
ATOM 79  O O    . PRO B 1 1 ? -1.225 1.622  1.317  1.00 3.75 ? 1 PRO B O    1 
ATOM 80  C CB   . PRO B 1 1 ? -0.771 1.067  4.516  1.00 3.64 ? 1 PRO B CB   1 
ATOM 81  C CG   . PRO B 1 1 ? 0.574  1.473  5.130  1.00 3.80 ? 1 PRO B CG   1 
ATOM 82  C CD   . PRO B 1 1 ? 1.345  1.955  3.918  1.00 3.91 ? 1 PRO B CD   1 
ATOM 83  H H2   . PRO B 1 1 ? 1.563  0.396  2.706  1.00 4.03 ? 1 PRO B H2   1 
ATOM 84  H H3   . PRO B 1 1 ? 0.856  1.473  2.053  1.00 4.03 ? 1 PRO B H3   1 
ATOM 85  H HA   . PRO B 1 1 ? -0.265 -0.570 3.321  1.00 3.85 ? 1 PRO B HA   1 
ATOM 86  H HB2  . PRO B 1 1 ? -1.331 1.843  4.355  1.00 4.37 ? 1 PRO B HB2  1 
ATOM 87  H HB3  . PRO B 1 1 ? -1.246 0.448  5.092  1.00 4.37 ? 1 PRO B HB3  1 
ATOM 88  H HG2  . PRO B 1 1 ? 0.464  2.182  5.783  1.00 4.56 ? 1 PRO B HG2  1 
ATOM 89  H HG3  . PRO B 1 1 ? 1.012  0.716  5.549  1.00 4.56 ? 1 PRO B HG3  1 
ATOM 90  H HD2  . PRO B 1 1 ? 1.108  2.870  3.699  1.00 4.69 ? 1 PRO B HD2  1 
ATOM 91  H HD3  . PRO B 1 1 ? 2.301  1.908  4.077  1.00 4.69 ? 1 PRO B HD3  1 
ATOM 92  N N    . PHE B 1 2 ? -2.489 -0.090 2.076  1.00 3.26 ? 2 PHE B N    1 
ATOM 93  C CA   . PHE B 1 2 ? -3.603 0.329  1.214  1.00 3.07 ? 2 PHE B CA   1 
ATOM 94  C C    . PHE B 1 2 ? -4.174 1.689  1.655  1.00 2.95 ? 2 PHE B C    1 
ATOM 95  O O    . PHE B 1 2 ? -4.398 2.580  0.826  1.00 3.35 ? 2 PHE B O    1 
ATOM 96  C CB   . PHE B 1 2 ? -4.681 -0.776 1.205  1.00 3.55 ? 2 PHE B CB   1 
ATOM 97  C CG   . PHE B 1 2 ? -5.906 -0.331 0.443  1.00 3.35 ? 2 PHE B CG   1 
ATOM 98  C CD1  . PHE B 1 2 ? -5.934 -0.343 -0.957 1.00 3.64 ? 2 PHE B CD1  1 
ATOM 99  C CD2  . PHE B 1 2 ? -7.013 0.196  1.136  1.00 3.73 ? 2 PHE B CD2  1 
ATOM 100 C CE1  . PHE B 1 2 ? -7.026 0.176  -1.647 1.00 3.67 ? 2 PHE B CE1  1 
ATOM 101 C CE2  . PHE B 1 2 ? -8.100 0.711  0.455  1.00 3.98 ? 2 PHE B CE2  1 
ATOM 102 C CZ   . PHE B 1 2 ? -8.106 0.722  -0.947 1.00 3.89 ? 2 PHE B CZ   1 
ATOM 103 H H    . PHE B 1 2 ? -2.537 -0.808 2.546  1.00 3.91 ? 2 PHE B H    1 
ATOM 104 H HA   . PHE B 1 2 ? -3.260 0.426  0.301  1.00 3.69 ? 2 PHE B HA   1 
ATOM 105 H HB2  . PHE B 1 2 ? -4.318 -1.577 0.795  1.00 4.26 ? 2 PHE B HB2  1 
ATOM 106 H HB3  . PHE B 1 2 ? -4.928 -0.992 2.118  1.00 4.26 ? 2 PHE B HB3  1 
ATOM 107 H HD1  . PHE B 1 2 ? -5.218 -0.700 -1.430 1.00 4.37 ? 2 PHE B HD1  1 
ATOM 108 H HD2  . PHE B 1 2 ? -7.013 0.197  2.067  1.00 4.47 ? 2 PHE B HD2  1 
ATOM 109 H HE1  . PHE B 1 2 ? -7.037 0.159  -2.576 1.00 4.40 ? 2 PHE B HE1  1 
ATOM 110 H HE2  . PHE B 1 2 ? -8.826 1.050  0.926  1.00 4.78 ? 2 PHE B HE2  1 
ATOM 111 H HZ   . PHE B 1 2 ? -8.824 1.090  -1.409 1.00 4.67 ? 2 PHE B HZ   1 
ATOM 112 N N    . LEU B 1 3 ? -4.414 1.809  2.969  1.00 3.24 ? 3 LEU B N    1 
ATOM 113 C CA   . LEU B 1 3 ? -4.977 3.004  3.589  1.00 3.42 ? 3 LEU B CA   1 
ATOM 114 C C    . LEU B 1 3 ? -4.167 3.270  4.865  1.00 3.35 ? 3 LEU B C    1 
ATOM 115 O O    . LEU B 1 3 ? -3.925 2.348  5.654  1.00 3.82 ? 3 LEU B O    1 
ATOM 116 C CB   . LEU B 1 3 ? -6.467 2.787  3.924  1.00 4.12 ? 3 LEU B CB   1 
ATOM 117 C CG   . LEU B 1 3 ? -7.163 3.866  4.748  1.00 4.61 ? 3 LEU B CG   1 
ATOM 118 C CD1  . LEU B 1 3 ? -7.184 5.205  4.074  1.00 5.83 ? 3 LEU B CD1  1 
ATOM 119 C CD2  . LEU B 1 3 ? -8.603 3.416  5.052  1.00 5.56 ? 3 LEU B CD2  1 
ATOM 120 H H    . LEU B 1 3 ? -4.226 1.141  3.478  1.00 3.89 ? 3 LEU B H    1 
ATOM 121 H HA   . LEU B 1 3 ? -4.885 3.764  2.977  1.00 4.11 ? 3 LEU B HA   1 
ATOM 122 H HB2  . LEU B 1 3 ? -6.951 2.689  3.088  1.00 4.94 ? 3 LEU B HB2  1 
ATOM 123 H HB3  . LEU B 1 3 ? -6.547 1.946  4.401  1.00 4.94 ? 3 LEU B HB3  1 
ATOM 124 H HG   . LEU B 1 3 ? -6.684 3.957  5.599  1.00 5.53 ? 3 LEU B HG   1 
ATOM 125 H HD11 . LEU B 1 3 ? -7.660 5.833  4.622  1.00 8.74 ? 3 LEU B HD11 1 
ATOM 126 H HD12 . LEU B 1 3 ? -7.621 5.128  3.222  1.00 8.74 ? 3 LEU B HD12 1 
ATOM 127 H HD13 . LEU B 1 3 ? -6.283 5.512  3.944  1.00 8.74 ? 3 LEU B HD13 1 
ATOM 128 H HD21 . LEU B 1 3 ? -8.584 2.626  5.597  1.00 8.33 ? 3 LEU B HD21 1 
ATOM 129 H HD22 . LEU B 1 3 ? -9.059 3.226  4.228  1.00 8.33 ? 3 LEU B HD22 1 
ATOM 130 H HD23 . LEU B 1 3 ? -9.065 4.116  5.519  1.00 8.33 ? 3 LEU B HD23 1 
ATOM 131 N N    . ILE B 1 4 ? -3.776 4.533  5.050  1.00 3.54 ? 4 ILE B N    1 
ATOM 132 C CA   . ILE B 1 4 ? -3.156 5.043  6.277  1.00 3.57 ? 4 ILE B CA   1 
ATOM 133 C C    . ILE B 1 4 ? -3.662 6.476  6.512  1.00 3.34 ? 4 ILE B C    1 
ATOM 134 O O    . ILE B 1 4 ? -3.774 6.908  7.692  1.00 3.64 ? 4 ILE B O    1 
ATOM 135 C CB   . ILE B 1 4 ? -1.605 4.964  6.192  1.00 3.73 ? 4 ILE B CB   1 
ATOM 136 C CG1  . ILE B 1 4 ? -0.954 5.559  7.446  1.00 4.52 ? 4 ILE B CG1  1 
ATOM 137 C CG2  . ILE B 1 4 ? -1.073 5.598  4.917  1.00 5.64 ? 4 ILE B CG2  1 
ATOM 138 C CD1  . ILE B 1 4 ? 0.555  5.397  7.514  1.00 5.40 ? 4 ILE B CD1  1 
ATOM 139 O OXT  . ILE B 1 4 ? -3.955 7.141  5.477  1.00 3.90 ? 4 ILE B OXT  1 
ATOM 140 H H    . ILE B 1 4 ? -3.897 5.087  4.403  1.00 4.25 ? 4 ILE B H    1 
ATOM 141 H HA   . ILE B 1 4 ? -3.452 4.485  7.027  1.00 4.29 ? 4 ILE B HA   1 
ATOM 142 H HB   . ILE B 1 4 ? -1.366 4.015  6.164  1.00 4.48 ? 4 ILE B HB   1 
ATOM 143 H HG12 . ILE B 1 4 ? -1.166 6.505  7.486  1.00 5.43 ? 4 ILE B HG12 1 
ATOM 144 H HG13 . ILE B 1 4 ? -1.346 5.139  8.228  1.00 5.43 ? 4 ILE B HG13 1 
ATOM 145 H HG21 . ILE B 1 4 ? -1.498 5.194  4.157  1.00 8.45 ? 4 ILE B HG21 1 
ATOM 146 H HG22 . ILE B 1 4 ? -0.124 5.460  4.864  1.00 8.45 ? 4 ILE B HG22 1 
ATOM 147 H HG23 . ILE B 1 4 ? -1.260 6.539  4.925  1.00 8.45 ? 4 ILE B HG23 1 
ATOM 148 H HD11 . ILE B 1 4 ? 0.871  5.694  8.371  1.00 8.10 ? 4 ILE B HD11 1 
ATOM 149 H HD12 . ILE B 1 4 ? 0.965  5.920  6.822  1.00 8.10 ? 4 ILE B HD12 1 
ATOM 150 H HD13 . ILE B 1 4 ? 0.784  4.472  7.394  1.00 8.10 ? 4 ILE B HD13 1 
# 
loop_
_atom_site_anisotrop.id 
_atom_site_anisotrop.type_symbol 
_atom_site_anisotrop.pdbx_label_atom_id 
_atom_site_anisotrop.pdbx_label_alt_id 
_atom_site_anisotrop.pdbx_label_comp_id 
_atom_site_anisotrop.pdbx_label_asym_id 
_atom_site_anisotrop.pdbx_label_seq_id 
_atom_site_anisotrop.pdbx_PDB_ins_code 
_atom_site_anisotrop.U[1][1] 
_atom_site_anisotrop.U[2][2] 
_atom_site_anisotrop.U[3][3] 
_atom_site_anisotrop.U[1][2] 
_atom_site_anisotrop.U[1][3] 
_atom_site_anisotrop.U[2][3] 
_atom_site_anisotrop.pdbx_auth_seq_id 
_atom_site_anisotrop.pdbx_auth_comp_id 
_atom_site_anisotrop.pdbx_auth_asym_id 
_atom_site_anisotrop.pdbx_auth_atom_id 
1   N N   . PRO A 1 ? 0.0345 0.0406 0.0407 -0.0060 -0.0069 0.0058  1 PRO A N   
2   C CA  . PRO A 1 ? 0.0342 0.0415 0.0405 -0.0058 -0.0050 0.0080  1 PRO A CA  
3   C C   . PRO A 1 ? 0.0333 0.0423 0.0450 -0.0032 -0.0044 0.0066  1 PRO A C   
4   O O   . PRO A 1 ? 0.0395 0.0601 0.0560 -0.0115 -0.0083 0.0245  1 PRO A O   
5   C CB  . PRO A 1 ? 0.0391 0.0542 0.0412 -0.0026 -0.0027 -0.0006 1 PRO A CB  
6   C CG  . PRO A 1 ? 0.0442 0.0458 0.0427 -0.0016 -0.0087 0.0005  1 PRO A CG  
7   C CD  . PRO A 1 ? 0.0439 0.0445 0.0528 -0.0105 -0.0137 0.0021  1 PRO A CD  
17  N N   . PHE A 2 ? 0.0354 0.0414 0.0400 -0.0075 -0.0066 0.0077  2 PHE A N   
18  C CA  . PHE A 2 ? 0.0363 0.0437 0.0392 -0.0081 -0.0084 0.0042  2 PHE A CA  
19  C C   . PHE A 2 ? 0.0305 0.0427 0.0391 -0.0064 -0.0059 0.0076  2 PHE A C   
20  O O   . PHE A 2 ? 0.0374 0.0474 0.0400 -0.0065 -0.0055 0.0055  2 PHE A O   
21  C CB  . PHE A 2 ? 0.0440 0.0438 0.0482 -0.0153 -0.0119 0.0063  2 PHE A CB  
22  C CG  . PHE A 2 ? 0.0398 0.0438 0.0467 -0.0147 -0.0085 0.0023  2 PHE A CG  
23  C CD1 . PHE A 2 ? 0.0389 0.0518 0.0467 -0.0113 -0.0075 0.0017  2 PHE A CD1 
24  C CD2 . PHE A 2 ? 0.0456 0.0646 0.0451 -0.0070 -0.0047 -0.0040 2 PHE A CD2 
25  C CE1 . PHE A 2 ? 0.0445 0.0518 0.0476 -0.0099 -0.0102 0.0021  2 PHE A CE1 
26  C CE2 . PHE A 2 ? 0.0446 0.0645 0.0594 -0.0026 -0.0070 -0.0072 2 PHE A CE2 
27  C CZ  . PHE A 2 ? 0.0367 0.0544 0.0631 -0.0088 -0.0125 0.0019  2 PHE A CZ  
37  N N   . LEU A 3 ? 0.0391 0.0426 0.0403 -0.0041 -0.0068 0.0053  3 LEU A N   
38  C CA  . LEU A 3 ? 0.0421 0.0422 0.0443 -0.0055 -0.0081 0.0019  3 LEU A CA  
39  C C   . LEU A 3 ? 0.0364 0.0442 0.0433 -0.0056 -0.0038 0.0010  3 LEU A C   
40  O O   . LEU A 3 ? 0.0492 0.0398 0.0437 -0.0049 -0.0069 0.0004  3 LEU A O   
41  C CB  . LEU A 3 ? 0.0445 0.0505 0.0497 -0.0027 -0.0076 -0.0019 3 LEU A CB  
42  C CG  . LEU A 3 ? 0.0476 0.0546 0.0704 -0.0125 0.0029  -0.0038 3 LEU A CG  
43  C CD1 . LEU A 3 ? 0.0567 0.0727 0.0595 -0.0093 0.0076  0.0043  3 LEU A CD1 
44  C CD2 . LEU A 3 ? 0.0489 0.0936 0.0921 -0.0155 0.0007  -0.0314 3 LEU A CD2 
56  N N   . ILE A 4 ? 0.0438 0.0410 0.0414 -0.0063 -0.0048 0.0017  4 ILE A N   
57  C CA  . ILE A 4 ? 0.0403 0.0399 0.0421 -0.0018 -0.0036 -0.0036 4 ILE A CA  
58  C C   . ILE A 4 ? 0.0355 0.0422 0.0396 -0.0083 -0.0054 0.0038  4 ILE A C   
59  O O   . ILE A 4 ? 0.0465 0.0428 0.0401 -0.0075 -0.0007 0.0039  4 ILE A O   
60  C CB  . ILE A 4 ? 0.0414 0.0430 0.0511 -0.0039 -0.0044 0.0002  4 ILE A CB  
61  C CG1 . ILE A 4 ? 0.0449 0.0526 0.0571 -0.0006 -0.0100 -0.0051 4 ILE A CG1 
62  C CG2 . ILE A 4 ? 0.0430 0.0552 0.0653 -0.0040 -0.0166 -0.0059 4 ILE A CG2 
63  C CD1 . ILE A 4 ? 0.0479 0.0707 0.0775 -0.0003 -0.0072 -0.0176 4 ILE A CD1 
64  O OXT . ILE A 4 ? 0.0541 0.0504 0.0482 0.0022  -0.0028 0.0100  4 ILE A OXT 
76  N N   . PRO B 1 ? 0.0369 0.0433 0.0397 -0.0064 -0.0067 0.0099  1 PRO B N   
77  C CA  . PRO B 1 ? 0.0338 0.0408 0.0400 -0.0081 -0.0038 0.0053  1 PRO B CA  
78  C C   . PRO B 1 ? 0.0367 0.0424 0.0344 -0.0086 -0.0046 0.0079  1 PRO B C   
79  O O   . PRO B 1 ? 0.0405 0.0457 0.0478 -0.0082 -0.0084 0.0103  1 PRO B O   
80  C CB  . PRO B 1 ? 0.0347 0.0528 0.0427 -0.0066 -0.0062 0.0032  1 PRO B CB  
81  C CG  . PRO B 1 ? 0.0386 0.0524 0.0449 -0.0059 -0.0086 0.0017  1 PRO B CG  
82  C CD  . PRO B 1 ? 0.0419 0.0487 0.0491 -0.0123 -0.0124 0.0070  1 PRO B CD  
92  N N   . PHE B 2 ? 0.0342 0.0389 0.0432 -0.0078 -0.0069 0.0040  2 PHE B N   
93  C CA  . PHE B 2 ? 0.0338 0.0388 0.0372 -0.0044 -0.0074 0.0017  2 PHE B CA  
94  C C   . PHE B 2 ? 0.0301 0.0415 0.0338 -0.0069 -0.0053 0.0028  2 PHE B C   
95  O O   . PHE B 2 ? 0.0370 0.0411 0.0417 -0.0065 -0.0047 0.0038  2 PHE B O   
96  C CB  . PHE B 2 ? 0.0385 0.0389 0.0495 -0.0113 -0.0090 0.0012  2 PHE B CB  
97  C CG  . PHE B 2 ? 0.0365 0.0375 0.0458 -0.0104 -0.0078 0.0005  2 PHE B CG  
98  C CD1 . PHE B 2 ? 0.0406 0.0447 0.0447 -0.0112 -0.0058 -0.0039 2 PHE B CD1 
99  C CD2 . PHE B 2 ? 0.0444 0.0429 0.0458 -0.0091 -0.0054 -0.0007 2 PHE B CD2 
100 C CE1 . PHE B 2 ? 0.0419 0.0498 0.0394 -0.0114 -0.0053 0.0000  2 PHE B CE1 
101 C CE2 . PHE B 2 ? 0.0397 0.0529 0.0498 -0.0103 -0.0054 -0.0012 2 PHE B CE2 
102 C CZ  . PHE B 2 ? 0.0388 0.0467 0.0535 -0.0099 -0.0113 0.0006  2 PHE B CZ  
112 N N   . LEU B 3 ? 0.0379 0.0393 0.0384 -0.0038 -0.0049 -0.0002 3 LEU B N   
113 C CA  . LEU B 3 ? 0.0401 0.0391 0.0431 -0.0021 -0.0048 -0.0047 3 LEU B CA  
114 C C   . LEU B 3 ? 0.0362 0.0429 0.0404 -0.0063 -0.0003 -0.0018 3 LEU B C   
115 O O   . LEU B 3 ? 0.0498 0.0390 0.0478 -0.0049 -0.0087 0.0003  3 LEU B O   
116 C CB  . LEU B 3 ? 0.0406 0.0522 0.0545 -0.0038 -0.0070 -0.0071 3 LEU B CB  
117 C CG  . LEU B 3 ? 0.0442 0.0653 0.0551 -0.0058 -0.0017 -0.0099 3 LEU B CG  
118 C CD1 . LEU B 3 ? 0.0595 0.0691 0.0796 0.0030  0.0041  0.0053  3 LEU B CD1 
119 C CD2 . LEU B 3 ? 0.0499 0.0794 0.0693 -0.0059 -0.0026 -0.0024 3 LEU B CD2 
131 N N   . ILE B 4 ? 0.0449 0.0402 0.0415 -0.0077 -0.0084 0.0042  4 ILE B N   
132 C CA  . ILE B 4 ? 0.0445 0.0396 0.0435 -0.0093 -0.0059 0.0042  4 ILE B CA  
133 C C   . ILE B 4 ? 0.0358 0.0437 0.0398 -0.0093 -0.0070 0.0028  4 ILE B C   
134 O O   . ILE B 4 ? 0.0463 0.0423 0.0414 -0.0087 -0.0062 0.0004  4 ILE B O   
135 C CB  . ILE B 4 ? 0.0391 0.0469 0.0472 -0.0037 -0.0058 0.0006  4 ILE B CB  
136 C CG1 . ILE B 4 ? 0.0464 0.0572 0.0580 -0.0090 -0.0094 -0.0055 4 ILE B CG1 
137 C CG2 . ILE B 4 ? 0.0416 0.0986 0.0613 -0.0008 0.0012  0.0168  4 ILE B CG2 
138 C CD1 . ILE B 4 ? 0.0438 0.0807 0.0685 -0.0123 -0.0097 -0.0039 4 ILE B CD1 
139 O OXT . ILE B 4 ? 0.0509 0.0463 0.0423 0.0006  -0.0038 0.0064  4 ILE B OXT 
# 
